data_5EP2
#
_entry.id   5EP2
#
_cell.length_a   76.403
_cell.length_b   76.403
_cell.length_c   82.255
_cell.angle_alpha   90.000
_cell.angle_beta   90.000
_cell.angle_gamma   120.000
#
_symmetry.space_group_name_H-M   'P 61'
#
loop_
_entity.id
_entity.type
_entity.pdbx_description
1 polymer 'Putative repressor protein luxO'
2 non-polymer '2,2-dimethylpropyl 2-[[3,5-bis(oxidanylidene)-2~{H}-1,2,4-triazin-6-yl]sulfanyl]ethanoate'
3 non-polymer 'ACETATE ION'
4 water water
#
_entity_poly.entity_id   1
_entity_poly.type   'polypeptide(L)'
_entity_poly.pdbx_seq_one_letter_code
;MGFIGNSLPMQAVYRVIESAASSKATVFITGESGTGKEVCAEAIHAASPRHDKPFIALNCAAIPKDLIESELFGHVKGAF
TGASTERQGAVEMAHNGTLMLDELCEMDLDLQSKLLRFIQTGTYQKVGSSKMSSVDVRFVCATNRNPWEEVQEGRFREDL
YYRLHVIPISLPPLRERGGDIIEIAHALLGLMSLEEGKSFSRFSEPVLRLFESYSWPGNVRELQNVIRNIVVLNTDDEVK
LEMVPPPILEHHHHHH
;
_entity_poly.pdbx_strand_id   A
#
loop_
_chem_comp.id
_chem_comp.type
_chem_comp.name
_chem_comp.formula
ACT non-polymer 'ACETATE ION' 'C2 H3 O2 -1'
AZU non-polymer '2,2-dimethylpropyl 2-[[3,5-bis(oxidanylidene)-2~{H}-1,2,4-triazin-6-yl]sulfanyl]ethanoate' 'C10 H15 N3 O4 S'
#
# COMPACT_ATOMS: atom_id res chain seq x y z
N GLY A 2 -7.43 -8.62 2.13
CA GLY A 2 -8.52 -7.67 2.19
C GLY A 2 -8.95 -7.44 0.74
N PHE A 3 -8.39 -8.27 -0.10
CA PHE A 3 -8.74 -8.21 -1.51
C PHE A 3 -10.12 -8.81 -1.73
N ILE A 4 -10.70 -8.40 -2.84
CA ILE A 4 -11.99 -8.90 -3.28
C ILE A 4 -11.81 -9.65 -4.60
N GLY A 5 -12.38 -10.83 -4.68
CA GLY A 5 -12.47 -11.55 -5.94
C GLY A 5 -11.56 -12.76 -6.00
N ASN A 6 -11.88 -13.66 -6.90
CA ASN A 6 -10.99 -14.81 -7.07
CA ASN A 6 -11.08 -14.86 -7.11
C ASN A 6 -10.61 -15.00 -8.54
N SER A 7 -10.29 -13.88 -9.18
CA SER A 7 -9.69 -13.98 -10.50
C SER A 7 -8.41 -14.81 -10.52
N LEU A 8 -8.16 -15.43 -11.67
CA LEU A 8 -6.97 -16.23 -11.84
C LEU A 8 -5.67 -15.55 -11.33
N PRO A 9 -5.38 -14.31 -11.75
CA PRO A 9 -4.12 -13.73 -11.28
C PRO A 9 -4.15 -13.41 -9.79
N MET A 10 -5.29 -13.10 -9.21
CA MET A 10 -5.29 -12.86 -7.75
C MET A 10 -5.13 -14.16 -7.01
N GLN A 11 -5.56 -15.30 -7.53
CA GLN A 11 -5.32 -16.61 -6.87
CA GLN A 11 -5.37 -16.49 -6.73
C GLN A 11 -3.86 -16.81 -6.60
N ALA A 12 -3.05 -16.43 -7.57
CA ALA A 12 -1.61 -16.55 -7.41
C ALA A 12 -1.09 -15.65 -6.28
N VAL A 13 -1.60 -14.45 -6.22
CA VAL A 13 -1.22 -13.53 -5.13
C VAL A 13 -1.63 -14.15 -3.82
N TYR A 14 -2.85 -14.69 -3.72
CA TYR A 14 -3.31 -15.25 -2.44
C TYR A 14 -2.44 -16.42 -1.99
N ARG A 15 -1.94 -17.24 -2.91
CA ARG A 15 -1.07 -18.37 -2.54
C ARG A 15 0.22 -17.85 -2.00
N VAL A 16 0.78 -16.81 -2.59
CA VAL A 16 2.03 -16.25 -2.08
C VAL A 16 1.78 -15.57 -0.74
N ILE A 17 0.67 -14.86 -0.57
CA ILE A 17 0.39 -14.25 0.74
C ILE A 17 0.33 -15.30 1.81
N GLU A 18 -0.35 -16.41 1.55
CA GLU A 18 -0.49 -17.45 2.56
C GLU A 18 0.84 -18.05 2.92
N SER A 19 1.66 -18.34 1.92
CA SER A 19 2.95 -18.98 2.17
C SER A 19 3.91 -17.99 2.81
N ALA A 20 3.87 -16.73 2.40
CA ALA A 20 4.79 -15.74 2.94
C ALA A 20 4.43 -15.42 4.38
N ALA A 21 3.14 -15.46 4.71
CA ALA A 21 2.67 -15.03 6.03
C ALA A 21 3.33 -15.80 7.15
N SER A 22 3.66 -17.06 6.94
CA SER A 22 4.27 -17.81 8.01
C SER A 22 5.80 -17.61 8.14
N SER A 23 6.40 -16.81 7.27
CA SER A 23 7.81 -16.53 7.31
C SER A 23 8.03 -15.10 7.78
N LYS A 24 9.21 -14.78 8.31
CA LYS A 24 9.53 -13.39 8.59
C LYS A 24 10.25 -12.75 7.40
N ALA A 25 10.42 -13.46 6.27
CA ALA A 25 11.18 -12.91 5.17
C ALA A 25 10.50 -11.63 4.64
N THR A 26 11.31 -10.67 4.25
CA THR A 26 10.75 -9.41 3.76
C THR A 26 10.02 -9.61 2.45
N VAL A 27 8.86 -8.96 2.39
CA VAL A 27 8.05 -8.97 1.18
C VAL A 27 8.20 -7.62 0.48
N PHE A 28 8.29 -7.63 -0.84
CA PHE A 28 8.57 -6.42 -1.61
C PHE A 28 7.50 -6.35 -2.70
N ILE A 29 6.57 -5.43 -2.50
CA ILE A 29 5.38 -5.34 -3.37
C ILE A 29 5.58 -4.29 -4.44
N THR A 30 5.26 -4.64 -5.69
CA THR A 30 5.25 -3.66 -6.78
C THR A 30 3.92 -3.75 -7.50
N GLY A 31 3.62 -2.73 -8.27
CA GLY A 31 2.37 -2.73 -9.03
C GLY A 31 2.19 -1.38 -9.63
N GLU A 32 1.29 -1.27 -10.60
CA GLU A 32 0.97 0.02 -11.19
C GLU A 32 0.31 0.99 -10.21
N SER A 33 0.29 2.26 -10.58
CA SER A 33 -0.42 3.30 -9.84
C SER A 33 -1.83 2.84 -9.50
N GLY A 34 -2.21 2.97 -8.24
CA GLY A 34 -3.56 2.70 -7.84
C GLY A 34 -3.82 1.24 -7.55
N THR A 35 -2.81 0.39 -7.50
CA THR A 35 -3.03 -0.97 -7.04
C THR A 35 -2.89 -1.04 -5.50
N GLY A 36 -3.43 -2.10 -4.94
CA GLY A 36 -3.65 -2.21 -3.49
C GLY A 36 -2.46 -2.67 -2.65
N LYS A 37 -1.40 -1.86 -2.66
CA LYS A 37 -0.19 -2.28 -1.95
C LYS A 37 -0.37 -2.41 -0.43
N GLU A 38 -1.09 -1.47 0.17
CA GLU A 38 -1.35 -1.57 1.61
C GLU A 38 -2.32 -2.71 1.91
N VAL A 39 -3.32 -2.93 1.04
CA VAL A 39 -4.20 -4.07 1.21
C VAL A 39 -3.41 -5.38 1.21
N CYS A 40 -2.43 -5.51 0.28
CA CYS A 40 -1.63 -6.72 0.27
C CYS A 40 -0.80 -6.84 1.58
N ALA A 41 -0.15 -5.74 1.97
CA ALA A 41 0.68 -5.78 3.19
C ALA A 41 -0.17 -6.20 4.40
N GLU A 42 -1.34 -5.59 4.54
CA GLU A 42 -2.20 -5.95 5.66
C GLU A 42 -2.66 -7.40 5.59
N ALA A 43 -2.91 -7.90 4.37
CA ALA A 43 -3.33 -9.30 4.27
C ALA A 43 -2.25 -10.26 4.73
N ILE A 44 -1.01 -9.92 4.41
CA ILE A 44 0.11 -10.74 4.90
C ILE A 44 0.15 -10.75 6.42
N HIS A 45 0.04 -9.57 7.02
CA HIS A 45 0.01 -9.50 8.50
C HIS A 45 -1.14 -10.33 9.07
N ALA A 46 -2.33 -10.19 8.48
CA ALA A 46 -3.50 -10.85 8.99
C ALA A 46 -3.38 -12.37 8.91
N ALA A 47 -2.67 -12.87 7.90
CA ALA A 47 -2.49 -14.30 7.75
C ALA A 47 -1.34 -14.85 8.59
N SER A 48 -0.54 -13.96 9.16
CA SER A 48 0.67 -14.34 9.88
C SER A 48 0.44 -14.66 11.35
N PRO A 49 1.41 -15.33 12.00
CA PRO A 49 1.29 -15.60 13.44
C PRO A 49 1.31 -14.30 14.22
N ARG A 50 1.74 -13.20 13.63
CA ARG A 50 1.73 -11.98 14.44
C ARG A 50 0.50 -11.12 14.19
N HIS A 51 -0.58 -11.72 13.65
CA HIS A 51 -1.80 -10.96 13.32
C HIS A 51 -2.40 -10.20 14.49
N ASP A 52 -2.17 -10.66 15.73
CA ASP A 52 -2.70 -10.01 16.92
CA ASP A 52 -2.72 -9.99 16.91
C ASP A 52 -1.85 -8.82 17.39
N LYS A 53 -0.68 -8.64 16.78
CA LYS A 53 0.19 -7.52 17.07
C LYS A 53 -0.05 -6.42 16.02
N PRO A 54 0.58 -5.25 16.18
CA PRO A 54 0.21 -4.15 15.27
C PRO A 54 0.72 -4.27 13.85
N PHE A 55 -0.11 -3.76 12.95
CA PHE A 55 0.25 -3.53 11.56
C PHE A 55 0.39 -2.03 11.44
N ILE A 56 1.56 -1.56 11.01
CA ILE A 56 1.81 -0.12 10.89
C ILE A 56 2.30 0.19 9.50
N ALA A 57 1.66 1.15 8.84
CA ALA A 57 2.10 1.54 7.51
C ALA A 57 2.70 2.92 7.56
N LEU A 58 3.92 3.04 7.04
CA LEU A 58 4.58 4.34 6.91
C LEU A 58 4.60 4.71 5.44
N ASN A 59 3.86 5.75 5.05
CA ASN A 59 3.93 6.16 3.64
C ASN A 59 5.02 7.20 3.50
N CYS A 60 6.16 6.82 2.92
CA CYS A 60 7.32 7.69 2.89
C CYS A 60 7.16 8.88 2.01
N ALA A 61 6.18 8.82 1.13
CA ALA A 61 5.94 9.94 0.24
C ALA A 61 5.07 10.98 0.90
N ALA A 62 4.30 10.61 1.93
CA ALA A 62 3.28 11.53 2.44
C ALA A 62 3.82 12.31 3.62
N ILE A 63 5.14 12.25 3.76
CA ILE A 63 5.87 12.93 4.80
C ILE A 63 6.95 13.73 4.09
N PRO A 64 7.24 14.97 4.52
CA PRO A 64 8.39 15.64 3.92
C PRO A 64 9.65 14.78 4.06
N LYS A 65 10.51 14.82 3.06
CA LYS A 65 11.65 13.91 3.00
C LYS A 65 12.58 14.05 4.21
N ASP A 66 12.73 15.29 4.69
CA ASP A 66 13.55 15.53 5.87
C ASP A 66 12.93 15.03 7.17
N LEU A 67 11.69 14.54 7.12
CA LEU A 67 10.99 14.09 8.32
C LEU A 67 10.66 12.61 8.32
N ILE A 68 11.05 11.91 7.27
CA ILE A 68 10.79 10.48 7.26
C ILE A 68 11.53 9.83 8.43
N GLU A 69 12.77 10.28 8.68
CA GLU A 69 13.55 9.61 9.75
C GLU A 69 12.87 9.75 11.12
N SER A 70 12.36 10.94 11.41
CA SER A 70 11.58 11.21 12.60
C SER A 70 10.35 10.30 12.64
N GLU A 71 9.62 10.18 11.55
CA GLU A 71 8.43 9.36 11.53
C GLU A 71 8.77 7.88 11.75
N LEU A 72 9.90 7.44 11.19
CA LEU A 72 10.31 6.04 11.22
C LEU A 72 10.91 5.64 12.59
N PHE A 73 11.88 6.43 13.07
CA PHE A 73 12.65 6.08 14.25
C PHE A 73 12.27 6.88 15.48
N GLY A 74 11.44 7.90 15.32
CA GLY A 74 11.07 8.77 16.45
C GLY A 74 12.05 9.90 16.63
N HIS A 75 11.79 10.76 17.61
CA HIS A 75 12.72 11.84 17.94
C HIS A 75 12.53 12.23 19.39
N VAL A 76 13.62 12.70 20.02
CA VAL A 76 13.54 13.25 21.36
C VAL A 76 13.19 14.73 21.28
N LYS A 77 12.73 15.29 22.40
CA LYS A 77 12.33 16.70 22.44
C LYS A 77 13.49 17.61 22.08
N GLY A 78 13.20 18.61 21.24
CA GLY A 78 14.21 19.56 20.80
C GLY A 78 15.25 19.01 19.84
N ALA A 79 14.99 17.84 19.25
CA ALA A 79 15.97 17.23 18.37
C ALA A 79 16.26 18.11 17.16
N PHE A 80 15.23 18.81 16.69
CA PHE A 80 15.35 19.72 15.56
C PHE A 80 14.30 20.80 15.76
N THR A 81 14.42 21.88 15.01
CA THR A 81 13.67 23.12 15.27
C THR A 81 12.19 22.95 15.61
N GLY A 82 11.52 22.04 14.92
CA GLY A 82 10.09 21.85 15.13
C GLY A 82 9.72 20.76 16.13
N ALA A 83 10.71 20.12 16.74
CA ALA A 83 10.45 19.03 17.67
C ALA A 83 9.81 19.51 18.98
N SER A 84 8.51 19.80 18.93
CA SER A 84 7.78 20.34 20.08
C SER A 84 7.67 19.35 21.24
N THR A 85 7.89 18.07 20.93
CA THR A 85 7.80 17.01 21.94
C THR A 85 8.57 15.78 21.50
N GLU A 86 8.55 14.74 22.33
CA GLU A 86 9.21 13.47 22.05
C GLU A 86 8.25 12.61 21.27
N ARG A 87 8.77 11.89 20.27
CA ARG A 87 7.92 11.14 19.36
C ARG A 87 8.37 9.70 19.27
N GLN A 88 7.39 8.81 19.36
CA GLN A 88 7.57 7.38 19.17
C GLN A 88 7.59 7.07 17.67
N GLY A 89 8.65 6.40 17.23
CA GLY A 89 8.72 6.05 15.81
C GLY A 89 7.80 4.92 15.37
N ALA A 90 7.50 4.84 14.06
CA ALA A 90 6.80 3.69 13.49
C ALA A 90 7.41 2.37 13.91
N VAL A 91 8.74 2.31 14.04
CA VAL A 91 9.34 1.03 14.41
C VAL A 91 8.93 0.58 15.81
N GLU A 92 8.72 1.52 16.71
CA GLU A 92 8.23 1.15 18.04
C GLU A 92 6.77 0.77 18.03
N MET A 93 5.97 1.51 17.26
CA MET A 93 4.56 1.16 17.11
C MET A 93 4.40 -0.23 16.55
N ALA A 94 5.36 -0.67 15.73
CA ALA A 94 5.26 -1.95 15.05
C ALA A 94 5.93 -3.11 15.75
N HIS A 95 6.48 -2.88 16.94
CA HIS A 95 7.25 -3.94 17.59
C HIS A 95 6.38 -5.16 17.82
N ASN A 96 6.96 -6.31 17.43
CA ASN A 96 6.32 -7.64 17.43
C ASN A 96 5.30 -7.83 16.33
N GLY A 97 5.10 -6.80 15.52
CA GLY A 97 4.14 -6.81 14.40
C GLY A 97 4.82 -6.62 13.08
N THR A 98 4.10 -5.95 12.17
CA THR A 98 4.55 -5.81 10.79
C THR A 98 4.61 -4.35 10.47
N LEU A 99 5.70 -3.94 9.82
CA LEU A 99 5.89 -2.59 9.37
C LEU A 99 5.90 -2.56 7.86
N MET A 100 5.00 -1.77 7.29
CA MET A 100 5.00 -1.57 5.84
C MET A 100 5.67 -0.23 5.55
N LEU A 101 6.71 -0.28 4.73
CA LEU A 101 7.40 0.89 4.24
C LEU A 101 6.92 1.10 2.82
N ASP A 102 5.97 2.01 2.67
CA ASP A 102 5.37 2.28 1.40
C ASP A 102 6.11 3.45 0.72
N GLU A 103 6.27 3.40 -0.58
CA GLU A 103 6.99 4.43 -1.35
C GLU A 103 8.39 4.60 -0.80
N LEU A 104 9.00 3.47 -0.56
CA LEU A 104 10.28 3.36 0.07
C LEU A 104 11.36 4.11 -0.70
N CYS A 105 11.22 4.19 -2.01
CA CYS A 105 12.29 4.82 -2.77
C CYS A 105 12.36 6.35 -2.57
N GLU A 106 11.44 6.91 -1.79
CA GLU A 106 11.48 8.34 -1.49
C GLU A 106 12.52 8.72 -0.44
N MET A 107 13.00 7.74 0.32
CA MET A 107 14.02 7.99 1.31
C MET A 107 15.31 8.43 0.64
N ASP A 108 15.97 9.43 1.22
CA ASP A 108 17.29 9.82 0.76
C ASP A 108 18.32 8.75 1.07
N LEU A 109 19.46 8.83 0.41
CA LEU A 109 20.45 7.78 0.54
C LEU A 109 20.99 7.68 1.97
N ASP A 110 21.10 8.80 2.68
CA ASP A 110 21.55 8.76 4.07
C ASP A 110 20.59 7.95 4.93
N LEU A 111 19.30 8.21 4.76
CA LEU A 111 18.30 7.48 5.51
C LEU A 111 18.27 6.03 5.09
N GLN A 112 18.48 5.75 3.79
CA GLN A 112 18.56 4.34 3.38
C GLN A 112 19.65 3.58 4.08
N SER A 113 20.79 4.23 4.31
CA SER A 113 21.86 3.59 5.07
C SER A 113 21.42 3.26 6.50
N LYS A 114 20.74 4.20 7.12
CA LYS A 114 20.24 3.93 8.49
C LYS A 114 19.20 2.84 8.51
N LEU A 115 18.33 2.82 7.49
CA LEU A 115 17.33 1.76 7.39
C LEU A 115 18.01 0.40 7.21
N LEU A 116 19.06 0.35 6.41
CA LEU A 116 19.70 -0.93 6.21
C LEU A 116 20.30 -1.45 7.52
N ARG A 117 20.95 -0.58 8.29
N ARG A 117 20.94 -0.54 8.27
CA ARG A 117 21.48 -1.04 9.59
CA ARG A 117 21.51 -0.88 9.57
C ARG A 117 20.34 -1.61 10.41
C ARG A 117 20.44 -1.49 10.47
N PHE A 118 19.26 -0.85 10.50
CA PHE A 118 18.10 -1.31 11.23
C PHE A 118 17.58 -2.66 10.75
N ILE A 119 17.44 -2.85 9.45
CA ILE A 119 16.98 -4.13 8.95
C ILE A 119 17.92 -5.29 9.32
N GLN A 120 19.22 -5.01 9.37
CA GLN A 120 20.21 -6.05 9.60
C GLN A 120 20.21 -6.46 11.07
N THR A 121 19.99 -5.49 11.94
CA THR A 121 20.26 -5.67 13.35
C THR A 121 19.04 -5.52 14.25
N GLY A 122 18.05 -4.75 13.86
CA GLY A 122 16.94 -4.43 14.75
C GLY A 122 17.20 -3.19 15.60
N THR A 123 18.41 -2.65 15.51
CA THR A 123 18.80 -1.53 16.34
CA THR A 123 18.83 -1.52 16.33
C THR A 123 18.58 -0.19 15.63
N TYR A 124 18.20 0.80 16.40
CA TYR A 124 17.98 2.15 15.84
C TYR A 124 18.19 3.16 16.96
N GLN A 125 18.24 4.43 16.55
CA GLN A 125 18.32 5.53 17.46
C GLN A 125 17.26 6.54 17.12
N LYS A 126 16.60 7.13 18.11
CA LYS A 126 15.72 8.27 17.85
C LYS A 126 16.52 9.45 17.31
N VAL A 127 15.90 10.26 16.46
CA VAL A 127 16.57 11.46 16.00
C VAL A 127 16.86 12.35 17.19
N GLY A 128 18.11 12.79 17.31
CA GLY A 128 18.52 13.68 18.37
C GLY A 128 19.13 12.94 19.54
N SER A 129 19.30 11.64 19.39
CA SER A 129 19.81 10.80 20.47
C SER A 129 20.86 9.79 20.01
N SER A 130 21.84 9.52 20.88
CA SER A 130 22.84 8.50 20.56
C SER A 130 22.48 7.14 21.18
N LYS A 131 21.50 7.12 22.08
CA LYS A 131 21.07 5.84 22.68
C LYS A 131 20.43 4.84 21.72
N MET A 132 20.88 3.61 21.84
CA MET A 132 20.39 2.53 21.03
C MET A 132 19.14 1.86 21.62
N SER A 133 18.19 1.52 20.76
CA SER A 133 17.04 0.71 21.13
CA SER A 133 17.02 0.71 21.13
C SER A 133 16.90 -0.42 20.13
N SER A 134 16.08 -1.41 20.43
CA SER A 134 15.80 -2.44 19.44
CA SER A 134 15.84 -2.50 19.51
C SER A 134 14.37 -2.87 19.49
N VAL A 135 13.88 -3.31 18.32
CA VAL A 135 12.56 -3.87 18.15
C VAL A 135 12.62 -5.06 17.19
N ASP A 136 11.52 -5.75 17.09
CA ASP A 136 11.35 -6.91 16.18
C ASP A 136 10.19 -6.60 15.28
N VAL A 137 10.46 -6.35 14.01
CA VAL A 137 9.38 -6.12 13.04
C VAL A 137 9.57 -7.01 11.85
N ARG A 138 8.45 -7.48 11.28
CA ARG A 138 8.45 -8.13 9.95
C ARG A 138 8.27 -7.02 8.93
N PHE A 139 9.14 -6.93 7.93
CA PHE A 139 9.02 -5.87 6.93
C PHE A 139 8.26 -6.25 5.69
N VAL A 140 7.43 -5.32 5.26
CA VAL A 140 6.83 -5.39 3.94
C VAL A 140 7.11 -4.06 3.29
N CYS A 141 7.70 -4.05 2.10
CA CYS A 141 7.99 -2.80 1.41
CA CYS A 141 7.78 -2.73 1.54
C CYS A 141 7.11 -2.71 0.19
N ALA A 142 6.91 -1.52 -0.30
CA ALA A 142 6.18 -1.34 -1.53
C ALA A 142 6.66 -0.10 -2.26
N THR A 143 6.58 -0.13 -3.58
CA THR A 143 6.91 1.04 -4.35
C THR A 143 6.15 1.01 -5.66
N ASN A 144 5.87 2.22 -6.17
CA ASN A 144 5.31 2.41 -7.51
C ASN A 144 6.41 2.61 -8.54
N ARG A 145 7.64 2.78 -8.08
CA ARG A 145 8.76 2.88 -9.00
C ARG A 145 9.19 1.50 -9.46
N ASN A 146 10.10 1.45 -10.43
CA ASN A 146 10.76 0.19 -10.76
C ASN A 146 12.01 0.15 -9.90
N PRO A 147 12.02 -0.75 -8.91
CA PRO A 147 13.08 -0.58 -7.90
C PRO A 147 14.43 -0.89 -8.48
N TRP A 148 14.50 -1.82 -9.43
CA TRP A 148 15.75 -2.09 -10.12
C TRP A 148 16.26 -0.86 -10.86
N GLU A 149 15.38 -0.18 -11.59
CA GLU A 149 15.73 1.10 -12.21
C GLU A 149 16.30 2.12 -11.22
N GLU A 150 15.64 2.26 -10.07
CA GLU A 150 16.12 3.16 -9.02
C GLU A 150 17.54 2.83 -8.60
N VAL A 151 17.87 1.54 -8.55
CA VAL A 151 19.21 1.12 -8.18
C VAL A 151 20.19 1.50 -9.27
N GLN A 152 19.82 1.21 -10.51
CA GLN A 152 20.68 1.54 -11.63
C GLN A 152 21.00 3.02 -11.74
N GLU A 153 20.04 3.87 -11.39
CA GLU A 153 20.21 5.31 -11.54
C GLU A 153 20.80 5.94 -10.28
N GLY A 154 21.13 5.10 -9.30
CA GLY A 154 21.82 5.55 -8.12
C GLY A 154 20.97 6.25 -7.08
N ARG A 155 19.66 6.02 -7.15
CA ARG A 155 18.75 6.67 -6.22
C ARG A 155 18.41 5.75 -5.04
N PHE A 156 18.68 4.46 -5.21
CA PHE A 156 18.39 3.45 -4.19
C PHE A 156 19.57 2.53 -4.02
N ARG A 157 19.97 2.32 -2.77
CA ARG A 157 21.15 1.52 -2.50
C ARG A 157 21.03 0.09 -2.94
N GLU A 158 22.07 -0.39 -3.62
CA GLU A 158 22.10 -1.76 -4.07
C GLU A 158 22.04 -2.75 -2.91
N ASP A 159 22.81 -2.50 -1.86
CA ASP A 159 22.80 -3.40 -0.72
C ASP A 159 21.42 -3.48 -0.04
N LEU A 160 20.75 -2.35 0.05
CA LEU A 160 19.41 -2.31 0.61
C LEU A 160 18.44 -3.09 -0.25
N TYR A 161 18.51 -2.88 -1.55
CA TYR A 161 17.63 -3.60 -2.46
C TYR A 161 17.78 -5.11 -2.27
N TYR A 162 19.01 -5.62 -2.29
CA TYR A 162 19.18 -7.07 -2.17
C TYR A 162 18.87 -7.57 -0.76
N ARG A 163 18.94 -6.72 0.24
CA ARG A 163 18.53 -7.16 1.55
C ARG A 163 17.02 -7.31 1.63
N LEU A 164 16.30 -6.41 0.98
CA LEU A 164 14.83 -6.38 1.05
C LEU A 164 14.12 -7.29 0.07
N HIS A 165 14.71 -7.56 -1.07
CA HIS A 165 13.98 -8.15 -2.19
C HIS A 165 14.00 -9.68 -2.11
N VAL A 166 13.30 -10.19 -1.11
CA VAL A 166 13.32 -11.62 -0.81
C VAL A 166 12.07 -12.30 -1.34
N ILE A 167 10.89 -11.79 -0.95
CA ILE A 167 9.62 -12.29 -1.47
CA ILE A 167 9.63 -12.29 -1.51
C ILE A 167 8.95 -11.19 -2.29
N PRO A 168 9.24 -11.07 -3.59
CA PRO A 168 8.55 -10.07 -4.39
C PRO A 168 7.12 -10.48 -4.68
N ILE A 169 6.23 -9.51 -4.67
CA ILE A 169 4.84 -9.73 -5.11
C ILE A 169 4.50 -8.62 -6.09
N SER A 170 4.10 -9.00 -7.30
CA SER A 170 3.68 -8.03 -8.31
C SER A 170 2.13 -8.07 -8.35
N LEU A 171 1.49 -6.95 -8.05
CA LEU A 171 0.03 -6.96 -7.98
C LEU A 171 -0.58 -6.86 -9.39
N PRO A 172 -1.56 -7.69 -9.72
CA PRO A 172 -2.19 -7.62 -11.05
C PRO A 172 -2.94 -6.30 -11.21
N PRO A 173 -2.80 -5.69 -12.39
CA PRO A 173 -3.56 -4.46 -12.64
C PRO A 173 -5.05 -4.78 -12.77
N LEU A 174 -5.87 -3.82 -12.48
CA LEU A 174 -7.31 -4.05 -12.40
C LEU A 174 -7.88 -4.61 -13.73
N ARG A 175 -7.37 -4.13 -14.87
CA ARG A 175 -7.91 -4.57 -16.17
C ARG A 175 -7.68 -6.05 -16.37
N GLU A 176 -6.76 -6.69 -15.66
CA GLU A 176 -6.47 -8.11 -15.83
C GLU A 176 -7.20 -8.97 -14.83
N ARG A 177 -8.07 -8.39 -14.01
CA ARG A 177 -8.65 -9.14 -12.89
C ARG A 177 -10.04 -9.67 -13.13
N GLY A 178 -10.44 -9.83 -14.39
CA GLY A 178 -11.65 -10.61 -14.62
C GLY A 178 -12.89 -10.12 -13.90
N GLY A 179 -13.51 -11.06 -13.17
CA GLY A 179 -14.71 -10.74 -12.42
C GLY A 179 -14.47 -9.90 -11.17
N ASP A 180 -13.24 -9.67 -10.81
CA ASP A 180 -13.02 -8.88 -9.58
C ASP A 180 -13.44 -7.44 -9.78
N ILE A 181 -13.39 -6.92 -11.02
CA ILE A 181 -13.61 -5.51 -11.25
C ILE A 181 -15.02 -5.15 -10.79
N ILE A 182 -16.02 -5.90 -11.23
CA ILE A 182 -17.38 -5.58 -10.83
C ILE A 182 -17.65 -5.92 -9.36
N GLU A 183 -17.01 -6.95 -8.84
CA GLU A 183 -17.15 -7.21 -7.38
C GLU A 183 -16.62 -6.02 -6.53
N ILE A 184 -15.47 -5.49 -6.91
CA ILE A 184 -14.90 -4.31 -6.24
C ILE A 184 -15.83 -3.14 -6.46
N ALA A 185 -16.32 -2.97 -7.70
CA ALA A 185 -17.21 -1.83 -7.97
C ALA A 185 -18.48 -1.90 -7.11
N HIS A 186 -19.03 -3.09 -6.93
CA HIS A 186 -20.20 -3.21 -6.08
C HIS A 186 -19.89 -2.84 -4.64
N ALA A 187 -18.75 -3.28 -4.14
CA ALA A 187 -18.42 -2.97 -2.76
C ALA A 187 -18.25 -1.46 -2.60
N LEU A 188 -17.57 -0.83 -3.58
CA LEU A 188 -17.45 0.63 -3.54
C LEU A 188 -18.79 1.34 -3.67
N LEU A 189 -19.68 0.81 -4.51
CA LEU A 189 -20.98 1.43 -4.69
C LEU A 189 -21.74 1.45 -3.38
N GLY A 190 -21.69 0.34 -2.63
CA GLY A 190 -22.39 0.32 -1.36
C GLY A 190 -21.73 1.25 -0.34
N LEU A 191 -20.39 1.26 -0.30
CA LEU A 191 -19.70 2.09 0.69
C LEU A 191 -19.90 3.58 0.40
N MET A 192 -19.80 3.97 -0.88
CA MET A 192 -19.98 5.38 -1.23
CA MET A 192 -19.95 5.38 -1.16
C MET A 192 -21.41 5.81 -1.05
N SER A 193 -22.36 4.89 -1.33
CA SER A 193 -23.75 5.22 -1.05
C SER A 193 -23.93 5.51 0.44
N LEU A 194 -23.32 4.71 1.30
CA LEU A 194 -23.38 4.98 2.74
C LEU A 194 -22.79 6.36 3.05
N GLU A 195 -21.62 6.63 2.48
CA GLU A 195 -20.96 7.90 2.72
C GLU A 195 -21.77 9.09 2.30
N GLU A 196 -22.45 8.99 1.17
CA GLU A 196 -23.18 10.11 0.58
C GLU A 196 -24.66 10.16 0.90
N GLY A 197 -25.18 9.16 1.61
CA GLY A 197 -26.61 9.11 1.83
C GLY A 197 -27.46 8.76 0.62
N LYS A 198 -26.90 7.91 -0.25
CA LYS A 198 -27.58 7.48 -1.49
C LYS A 198 -27.93 5.98 -1.40
N SER A 199 -28.46 5.41 -2.50
CA SER A 199 -28.92 4.01 -2.46
C SER A 199 -28.68 3.30 -3.77
N PHE A 200 -27.51 3.49 -4.34
CA PHE A 200 -27.16 2.76 -5.58
C PHE A 200 -26.90 1.29 -5.26
N SER A 201 -27.46 0.41 -6.09
CA SER A 201 -27.37 -1.01 -5.83
C SER A 201 -26.97 -1.81 -7.06
N ARG A 202 -27.01 -1.22 -8.25
CA ARG A 202 -26.72 -2.04 -9.44
C ARG A 202 -26.15 -1.18 -10.54
N PHE A 203 -25.55 -1.85 -11.53
CA PHE A 203 -25.02 -1.21 -12.74
C PHE A 203 -25.79 -1.71 -13.93
N SER A 204 -26.06 -0.83 -14.89
CA SER A 204 -26.68 -1.30 -16.12
C SER A 204 -25.71 -2.16 -16.92
N GLU A 205 -26.25 -2.92 -17.90
CA GLU A 205 -25.39 -3.80 -18.70
C GLU A 205 -24.33 -3.04 -19.51
N PRO A 206 -24.69 -1.88 -20.12
CA PRO A 206 -23.61 -1.16 -20.81
C PRO A 206 -22.51 -0.69 -19.85
N VAL A 207 -22.88 -0.28 -18.64
CA VAL A 207 -21.87 0.13 -17.69
C VAL A 207 -20.99 -1.04 -17.30
N LEU A 208 -21.59 -2.22 -17.07
CA LEU A 208 -20.77 -3.41 -16.82
C LEU A 208 -19.82 -3.69 -17.96
N ARG A 209 -20.32 -3.59 -19.19
CA ARG A 209 -19.43 -3.85 -20.32
C ARG A 209 -18.30 -2.83 -20.32
N LEU A 210 -18.60 -1.56 -20.10
CA LEU A 210 -17.54 -0.56 -20.14
C LEU A 210 -16.53 -0.80 -19.02
N PHE A 211 -17.00 -1.09 -17.81
CA PHE A 211 -16.04 -1.25 -16.73
C PHE A 211 -15.17 -2.50 -16.96
N GLU A 212 -15.72 -3.49 -17.63
CA GLU A 212 -14.97 -4.72 -17.93
C GLU A 212 -14.12 -4.65 -19.19
N SER A 213 -14.19 -3.54 -19.94
CA SER A 213 -13.35 -3.39 -21.13
C SER A 213 -12.33 -2.24 -21.01
N TYR A 214 -12.61 -1.26 -20.16
CA TYR A 214 -11.72 -0.13 -20.03
C TYR A 214 -10.38 -0.53 -19.37
N SER A 215 -9.31 0.16 -19.73
CA SER A 215 -7.99 -0.26 -19.30
C SER A 215 -7.61 0.16 -17.88
N TRP A 216 -8.41 1.01 -17.24
CA TRP A 216 -8.15 1.43 -15.85
C TRP A 216 -6.68 1.75 -15.57
N PRO A 217 -6.13 2.75 -16.29
CA PRO A 217 -4.70 3.03 -16.06
C PRO A 217 -4.41 3.46 -14.62
N GLY A 218 -5.40 3.98 -13.89
CA GLY A 218 -5.21 4.31 -12.48
C GLY A 218 -5.73 3.22 -11.54
N ASN A 219 -6.05 2.07 -12.12
CA ASN A 219 -6.39 0.89 -11.32
C ASN A 219 -7.47 1.10 -10.28
N VAL A 220 -7.33 0.61 -9.05
CA VAL A 220 -8.46 0.65 -8.14
C VAL A 220 -8.67 2.08 -7.65
N ARG A 221 -7.62 2.88 -7.56
CA ARG A 221 -7.85 4.29 -7.21
C ARG A 221 -8.76 4.96 -8.23
N GLU A 222 -8.50 4.70 -9.51
CA GLU A 222 -9.33 5.30 -10.53
C GLU A 222 -10.78 4.77 -10.46
N LEU A 223 -10.95 3.48 -10.18
CA LEU A 223 -12.28 2.96 -9.98
C LEU A 223 -12.97 3.65 -8.80
N GLN A 224 -12.24 3.83 -7.70
CA GLN A 224 -12.82 4.54 -6.55
C GLN A 224 -13.28 5.96 -6.96
N ASN A 225 -12.45 6.66 -7.74
CA ASN A 225 -12.82 8.01 -8.18
C ASN A 225 -14.09 7.98 -9.00
N VAL A 226 -14.19 7.01 -9.89
CA VAL A 226 -15.34 6.92 -10.78
C VAL A 226 -16.59 6.62 -9.98
N ILE A 227 -16.53 5.66 -9.05
CA ILE A 227 -17.74 5.37 -8.27
C ILE A 227 -18.11 6.56 -7.39
N ARG A 228 -17.10 7.21 -6.79
CA ARG A 228 -17.38 8.40 -5.99
C ARG A 228 -18.05 9.46 -6.82
N ASN A 229 -17.53 9.71 -8.03
CA ASN A 229 -18.11 10.69 -8.91
C ASN A 229 -19.59 10.38 -9.17
N ILE A 230 -19.89 9.14 -9.50
CA ILE A 230 -21.24 8.77 -9.87
C ILE A 230 -22.19 8.99 -8.68
N VAL A 231 -21.73 8.56 -7.50
CA VAL A 231 -22.61 8.61 -6.34
C VAL A 231 -22.79 10.03 -5.84
N VAL A 232 -21.75 10.86 -5.92
CA VAL A 232 -21.88 12.27 -5.55
C VAL A 232 -22.77 13.04 -6.52
N LEU A 233 -22.67 12.79 -7.83
CA LEU A 233 -23.35 13.64 -8.80
C LEU A 233 -24.74 13.16 -9.23
N ASN A 234 -25.14 11.95 -8.80
CA ASN A 234 -26.39 11.38 -9.30
C ASN A 234 -27.18 10.73 -8.18
N THR A 235 -28.48 10.57 -8.38
CA THR A 235 -29.33 9.94 -7.37
C THR A 235 -30.22 8.96 -8.10
N ASP A 236 -29.97 7.66 -7.92
CA ASP A 236 -30.70 6.62 -8.64
C ASP A 236 -30.36 5.34 -7.89
N ASP A 237 -31.04 4.24 -8.20
CA ASP A 237 -30.53 2.98 -7.67
CA ASP A 237 -30.63 2.92 -7.73
C ASP A 237 -29.65 2.25 -8.68
N GLU A 238 -29.67 2.70 -9.94
CA GLU A 238 -28.88 2.05 -10.98
C GLU A 238 -27.93 3.03 -11.62
N VAL A 239 -26.67 2.61 -11.76
CA VAL A 239 -25.69 3.39 -12.50
C VAL A 239 -25.96 3.22 -13.99
N LYS A 240 -26.14 4.35 -14.67
CA LYS A 240 -26.46 4.36 -16.09
C LYS A 240 -25.27 4.93 -16.87
N LEU A 241 -25.19 4.57 -18.16
CA LEU A 241 -24.01 4.92 -18.94
C LEU A 241 -23.76 6.43 -19.00
N GLU A 242 -24.81 7.20 -19.06
CA GLU A 242 -24.65 8.67 -19.13
C GLU A 242 -24.01 9.23 -17.85
N MET A 243 -24.05 8.49 -16.75
CA MET A 243 -23.45 8.95 -15.49
C MET A 243 -21.96 8.77 -15.45
N VAL A 244 -21.39 7.93 -16.30
CA VAL A 244 -19.97 7.66 -16.21
C VAL A 244 -19.16 8.91 -16.63
N PRO A 245 -18.20 9.32 -15.77
CA PRO A 245 -17.50 10.59 -16.08
C PRO A 245 -16.47 10.42 -17.19
N PRO A 246 -16.02 11.55 -17.76
CA PRO A 246 -14.89 11.53 -18.69
C PRO A 246 -13.63 11.23 -17.90
N PRO A 247 -12.59 10.79 -18.58
CA PRO A 247 -12.61 10.58 -20.03
C PRO A 247 -12.77 9.10 -20.27
N ILE A 248 -13.50 8.40 -19.40
CA ILE A 248 -13.52 6.94 -19.43
C ILE A 248 -13.92 6.51 -20.88
N LEU A 249 -15.08 6.95 -21.38
CA LEU A 249 -15.50 6.59 -22.73
C LEU A 249 -14.64 7.14 -23.86
N GLU A 250 -14.28 8.41 -23.77
CA GLU A 250 -13.42 9.07 -24.76
C GLU A 250 -12.10 8.33 -24.96
N HIS A 251 -11.45 8.00 -23.84
CA HIS A 251 -10.17 7.28 -23.89
C HIS A 251 -10.32 5.83 -24.34
N HIS A 252 -11.40 5.20 -23.89
CA HIS A 252 -11.72 3.83 -24.26
C HIS A 252 -11.75 3.70 -25.79
N HIS A 253 -12.37 4.67 -26.45
CA HIS A 253 -12.47 4.66 -27.92
C HIS A 253 -11.22 5.21 -28.58
C01 AZU B . -14.86 -1.17 -0.83
C02 AZU B . -13.48 -1.51 -0.36
C03 AZU B . -13.27 -2.98 -0.37
C04 AZU B . -13.30 -1.00 1.03
C05 AZU B . -12.45 -0.88 -1.23
O06 AZU B . -11.12 -0.96 -0.86
C07 AZU B . -10.19 -0.45 -1.73
O08 AZU B . -10.61 -0.09 -2.83
C09 AZU B . -8.74 -0.76 -1.46
S10 AZU B . -7.61 -1.24 -2.74
C11 AZU B . -8.16 -2.81 -3.21
N12 AZU B . -9.14 -3.36 -2.51
N13 AZU B . -9.64 -4.57 -2.91
C14 AZU B . -9.09 -5.19 -4.01
O15 AZU B . -9.54 -6.27 -4.29
N16 AZU B . -8.08 -4.64 -4.69
C17 AZU B . -7.56 -3.44 -4.29
O18 AZU B . -6.60 -2.93 -4.86
C ACT C . -12.50 14.73 -0.28
O ACT C . -13.73 14.63 -0.11
OXT ACT C . -11.95 14.09 -1.18
CH3 ACT C . -11.67 15.62 0.59
C ACT D . 16.35 -8.94 7.49
O ACT D . 17.16 -9.32 8.38
OXT ACT D . 16.79 -8.91 6.31
CH3 ACT D . 14.94 -8.55 7.83
C ACT E . -28.14 2.74 -19.37
O ACT E . -26.95 2.56 -19.05
OXT ACT E . -28.50 3.92 -19.58
CH3 ACT E . -29.01 1.53 -19.51
#